data_5ZRM
#
_entry.id   5ZRM
#
_cell.length_a   82.421
_cell.length_b   82.971
_cell.length_c   103.841
_cell.angle_alpha   90.000
_cell.angle_beta   90.000
_cell.angle_gamma   90.000
#
_symmetry.space_group_name_H-M   'P 21 21 21'
#
loop_
_entity.id
_entity.type
_entity.pdbx_description
1 polymer 'Phosphoglycerate mutase 1'
2 polymer 'Phosphoglycerate mutase 1'
3 non-polymer 'CHLORIDE ION'
4 non-polymer '2-(N-MORPHOLINO)-ETHANESULFONIC ACID'
5 non-polymer '2-[(3,4-dihydroxy-9,10-dioxo-9,10-dihydroanthracen-2-yl)sulfamoyl]phenyl acetate'
6 water water
#
loop_
_entity_poly.entity_id
_entity_poly.type
_entity_poly.pdbx_seq_one_letter_code
_entity_poly.pdbx_strand_id
1 'polypeptide(L)'
;AAYKLVLIRHGESAWNLENRFSGWYDADLSPAGHEEAKRGGQALRDAGYEFDICFTSVQKRAIRTLWTVLDAIDQMWLPV
VRTWRLNERHYGGLTGLNKAETAAKHGEAQVKIWRRSYDVPPPPMEPDHPFYSNISKDRRYADLTEDQLPSCESLKDTIA
RALPFWNEEIVPQIKEGKRVLIAAHGNSLRGIVKHLEGLSEEAIMELNLPTGIPIVYELDKNLKPIKPMQFLGD
;
B
2 'polypeptide(L)'
;AAYKLVLIR(NEP)GESAWNLENRFSGWYDADLSPAGHEEAKRGGQALRDAGYEFDICFTSVQKRAIRTLWTVLDAIDQM
WLPVVRTWRLNERHYGGLTGLNKAETAAKHGEAQVKIWRRSYDVPPPPMEPDHPFYSNISKDRRYADLTEDQLPSCESLK
DTIARALPFWNEEIVPQIKEGKRVLIAAHGNSLRGIVKHLEGLSEEAIMELNLPTGIPIVYELDKNLKPIKPMQFLGD
;
C
#
# COMPACT_ATOMS: atom_id res chain seq x y z
N ALA A 2 -4.15 8.07 26.76
CA ALA A 2 -4.40 6.66 26.48
C ALA A 2 -4.12 6.32 25.01
N TYR A 3 -3.88 5.04 24.73
CA TYR A 3 -3.72 4.55 23.35
C TYR A 3 -4.97 4.84 22.52
N LYS A 4 -4.78 5.12 21.24
CA LYS A 4 -5.92 5.34 20.36
C LYS A 4 -5.90 4.41 19.16
N LEU A 5 -7.04 3.80 18.87
CA LEU A 5 -7.16 2.81 17.81
C LEU A 5 -8.35 3.14 16.92
N VAL A 6 -8.14 3.06 15.61
CA VAL A 6 -9.22 3.30 14.65
C VAL A 6 -9.45 2.08 13.75
N LEU A 7 -10.72 1.72 13.59
CA LEU A 7 -11.11 0.64 12.69
C LEU A 7 -11.95 1.24 11.60
N ILE A 8 -11.87 0.67 10.41
CA ILE A 8 -12.81 1.00 9.36
C ILE A 8 -13.22 -0.26 8.60
N ARG A 9 -14.52 -0.41 8.44
CA ARG A 9 -15.12 -1.51 7.70
C ARG A 9 -15.43 -0.98 6.31
N HIS A 10 -15.02 -1.70 5.28
CA HIS A 10 -15.27 -1.22 3.92
C HIS A 10 -16.76 -1.19 3.66
N GLY A 11 -17.17 -0.42 2.65
CA GLY A 11 -18.58 -0.37 2.27
C GLY A 11 -18.94 -1.33 1.17
N GLU A 12 -19.94 -0.91 0.39
CA GLU A 12 -20.53 -1.72 -0.66
C GLU A 12 -19.55 -2.28 -1.68
N SER A 13 -19.72 -3.55 -2.06
CA SER A 13 -18.89 -4.13 -3.11
C SER A 13 -19.73 -4.30 -4.36
N ALA A 14 -19.06 -4.60 -5.48
CA ALA A 14 -19.74 -4.65 -6.78
C ALA A 14 -20.75 -5.79 -6.87
N TRP A 15 -21.69 -5.64 -7.81
CA TRP A 15 -22.67 -6.68 -8.13
C TRP A 15 -23.43 -7.14 -6.91
N ASN A 16 -23.62 -6.25 -5.93
CA ASN A 16 -24.44 -6.55 -4.76
C ASN A 16 -23.87 -7.72 -3.95
N LEU A 17 -22.57 -7.96 -4.11
CA LEU A 17 -21.94 -9.13 -3.51
C LEU A 17 -21.93 -9.13 -1.99
N GLU A 18 -22.04 -7.97 -1.34
CA GLU A 18 -22.17 -7.96 0.13
C GLU A 18 -23.49 -8.61 0.56
N ASN A 19 -24.49 -8.58 -0.30
CA ASN A 19 -25.70 -9.34 -0.01
C ASN A 19 -25.66 -10.72 -0.63
N ARG A 20 -24.46 -11.17 -0.98
CA ARG A 20 -24.33 -12.44 -1.69
C ARG A 20 -23.18 -13.25 -1.11
N PHE A 21 -22.99 -13.11 0.19
CA PHE A 21 -21.97 -13.87 0.90
C PHE A 21 -20.61 -13.74 0.22
N SER A 22 -20.21 -12.51 -0.10
CA SER A 22 -18.96 -12.27 -0.85
C SER A 22 -17.76 -13.05 -0.29
N GLY A 23 -17.67 -13.12 1.04
CA GLY A 23 -16.67 -13.93 1.71
C GLY A 23 -15.26 -13.75 1.17
N TRP A 24 -14.65 -14.86 0.75
CA TRP A 24 -13.26 -14.84 0.24
C TRP A 24 -13.14 -14.51 -1.25
N TYR A 25 -14.27 -14.31 -1.93
CA TYR A 25 -14.21 -13.80 -3.29
C TYR A 25 -13.75 -12.35 -3.29
N ASP A 26 -12.79 -12.01 -4.17
CA ASP A 26 -12.10 -10.73 -4.10
C ASP A 26 -12.85 -9.64 -4.87
N ALA A 27 -14.10 -9.40 -4.46
CA ALA A 27 -14.96 -8.38 -5.07
C ALA A 27 -14.34 -7.00 -4.84
N ASP A 28 -14.41 -6.14 -5.86
CA ASP A 28 -13.98 -4.75 -5.71
C ASP A 28 -15.11 -3.90 -5.09
N LEU A 29 -14.76 -2.70 -4.60
CA LEU A 29 -15.78 -1.75 -4.13
C LEU A 29 -16.64 -1.31 -5.31
N SER A 30 -17.93 -1.07 -5.07
CA SER A 30 -18.76 -0.38 -6.05
C SER A 30 -18.37 1.09 -5.96
N PRO A 31 -18.77 1.90 -6.95
CA PRO A 31 -18.47 3.33 -6.84
C PRO A 31 -19.04 3.94 -5.54
N ALA A 32 -20.22 3.49 -5.15
CA ALA A 32 -20.84 3.92 -3.89
C ALA A 32 -20.00 3.53 -2.67
N GLY A 33 -19.59 2.26 -2.61
CA GLY A 33 -18.68 1.78 -1.59
C GLY A 33 -17.40 2.61 -1.56
N HIS A 34 -16.95 3.02 -2.73
CA HIS A 34 -15.77 3.88 -2.82
C HIS A 34 -16.06 5.26 -2.21
N GLU A 35 -17.22 5.82 -2.51
CA GLU A 35 -17.65 7.11 -1.92
C GLU A 35 -17.74 7.08 -0.40
N GLU A 36 -18.30 6.00 0.17
CA GLU A 36 -18.33 5.84 1.63
C GLU A 36 -16.92 5.96 2.20
N ALA A 37 -15.98 5.24 1.61
CA ALA A 37 -14.60 5.30 2.08
C ALA A 37 -14.01 6.72 1.99
N LYS A 38 -14.38 7.47 0.95
CA LYS A 38 -13.90 8.85 0.83
C LYS A 38 -14.51 9.71 1.93
N ARG A 39 -15.81 9.52 2.18
CA ARG A 39 -16.51 10.26 3.24
C ARG A 39 -15.82 10.00 4.58
N GLY A 40 -15.52 8.73 4.86
CA GLY A 40 -14.89 8.36 6.10
C GLY A 40 -13.49 8.94 6.21
N GLY A 41 -12.81 9.06 5.07
CA GLY A 41 -11.47 9.63 5.03
C GLY A 41 -11.50 11.09 5.44
N GLN A 42 -12.47 11.82 4.89
CA GLN A 42 -12.66 13.23 5.22
C GLN A 42 -12.98 13.42 6.70
N ALA A 43 -13.80 12.54 7.26
CA ALA A 43 -14.11 12.61 8.69
C ALA A 43 -12.82 12.62 9.50
N LEU A 44 -11.91 11.73 9.12
CA LEU A 44 -10.63 11.62 9.82
C LEU A 44 -9.70 12.79 9.57
N ARG A 45 -9.77 13.35 8.37
CA ARG A 45 -8.96 14.52 8.03
C ARG A 45 -9.48 15.69 8.88
N ASP A 46 -10.77 15.98 8.75
CA ASP A 46 -11.39 17.05 9.53
C ASP A 46 -11.06 16.96 11.03
N ALA A 47 -10.87 15.74 11.51
CA ALA A 47 -10.61 15.48 12.93
C ALA A 47 -9.13 15.53 13.26
N GLY A 48 -8.30 15.69 12.24
CA GLY A 48 -6.85 15.77 12.41
C GLY A 48 -6.16 14.50 12.89
N TYR A 49 -6.67 13.34 12.48
CA TYR A 49 -6.08 12.09 12.92
C TYR A 49 -4.77 11.79 12.21
N GLU A 50 -3.83 11.21 12.96
CA GLU A 50 -2.57 10.80 12.39
C GLU A 50 -2.29 9.37 12.81
N PHE A 51 -1.66 8.61 11.92
CA PHE A 51 -1.38 7.21 12.18
C PHE A 51 0.06 6.95 11.90
N ASP A 52 0.57 5.84 12.40
CA ASP A 52 1.97 5.45 12.21
C ASP A 52 2.08 4.12 11.49
N ILE A 53 1.00 3.33 11.55
CA ILE A 53 0.98 2.03 10.86
C ILE A 53 -0.43 1.60 10.51
N CYS A 54 -0.58 0.89 9.41
CA CYS A 54 -1.89 0.48 8.93
C CYS A 54 -1.93 -1.03 8.72
N PHE A 55 -3.05 -1.64 9.12
CA PHE A 55 -3.26 -3.06 8.88
C PHE A 55 -4.51 -3.28 8.02
N THR A 56 -4.41 -4.22 7.08
CA THR A 56 -5.57 -4.56 6.25
C THR A 56 -5.54 -6.07 5.86
N SER A 57 -6.51 -6.51 5.06
CA SER A 57 -6.51 -7.89 4.60
C SER A 57 -5.80 -8.03 3.26
N VAL A 58 -5.94 -9.18 2.61
CA VAL A 58 -5.42 -9.34 1.25
C VAL A 58 -6.56 -9.19 0.21
N GLN A 59 -7.70 -8.67 0.64
CA GLN A 59 -8.86 -8.50 -0.25
C GLN A 59 -8.98 -7.05 -0.69
N LYS A 60 -9.13 -6.84 -1.99
CA LYS A 60 -9.03 -5.49 -2.57
C LYS A 60 -10.07 -4.48 -2.06
N ARG A 61 -11.25 -4.97 -1.68
CA ARG A 61 -12.27 -4.04 -1.18
C ARG A 61 -11.83 -3.39 0.13
N ALA A 62 -11.08 -4.11 0.95
CA ALA A 62 -10.56 -3.51 2.17
C ALA A 62 -9.34 -2.65 1.84
N ILE A 63 -8.44 -3.18 1.00
CA ILE A 63 -7.24 -2.45 0.60
C ILE A 63 -7.54 -1.11 -0.09
N ARG A 64 -8.47 -1.12 -1.05
CA ARG A 64 -8.86 0.11 -1.71
C ARG A 64 -9.51 1.09 -0.72
N THR A 65 -10.21 0.56 0.29
CA THR A 65 -10.78 1.41 1.32
C THR A 65 -9.66 2.10 2.10
N LEU A 66 -8.63 1.34 2.45
CA LEU A 66 -7.49 1.91 3.10
C LEU A 66 -6.80 2.95 2.22
N TRP A 67 -6.57 2.62 0.96
CA TRP A 67 -5.96 3.56 0.02
C TRP A 67 -6.74 4.87 -0.03
N THR A 68 -8.06 4.77 -0.12
CA THR A 68 -8.94 5.94 -0.19
C THR A 68 -8.82 6.82 1.07
N VAL A 69 -8.74 6.17 2.22
CA VAL A 69 -8.57 6.89 3.48
C VAL A 69 -7.20 7.57 3.56
N LEU A 70 -6.15 6.80 3.27
CA LEU A 70 -4.79 7.32 3.27
C LEU A 70 -4.65 8.51 2.32
N ASP A 71 -5.19 8.37 1.12
CA ASP A 71 -5.21 9.48 0.17
C ASP A 71 -5.87 10.69 0.85
N ALA A 72 -7.09 10.52 1.33
CA ALA A 72 -7.85 11.65 1.90
C ALA A 72 -7.18 12.36 3.09
N ILE A 73 -6.39 11.64 3.88
CA ILE A 73 -5.74 12.25 5.03
C ILE A 73 -4.25 12.55 4.80
N ASP A 74 -3.82 12.46 3.54
CA ASP A 74 -2.43 12.76 3.15
C ASP A 74 -1.37 11.95 3.92
N GLN A 75 -1.61 10.65 4.10
CA GLN A 75 -0.63 9.78 4.74
C GLN A 75 -0.40 8.52 3.92
N MET A 76 -0.33 8.69 2.60
CA MET A 76 -0.04 7.58 1.69
C MET A 76 1.34 6.99 1.94
N TRP A 77 2.14 7.72 2.71
CA TRP A 77 3.51 7.30 3.02
C TRP A 77 3.62 6.30 4.18
N LEU A 78 2.52 6.07 4.89
CA LEU A 78 2.54 5.15 6.03
C LEU A 78 2.84 3.69 5.65
N PRO A 79 3.54 2.98 6.54
CA PRO A 79 3.73 1.54 6.29
C PRO A 79 2.40 0.82 6.35
N VAL A 80 2.24 -0.16 5.47
CA VAL A 80 0.97 -0.89 5.38
C VAL A 80 1.30 -2.39 5.50
N VAL A 81 0.54 -3.10 6.34
CA VAL A 81 0.71 -4.55 6.46
C VAL A 81 -0.59 -5.26 6.07
N ARG A 82 -0.49 -6.17 5.10
CA ARG A 82 -1.62 -6.98 4.63
C ARG A 82 -1.52 -8.38 5.20
N THR A 83 -2.67 -8.98 5.57
CA THR A 83 -2.68 -10.38 6.03
C THR A 83 -4.02 -11.05 5.74
N TRP A 84 -3.98 -12.29 5.26
CA TRP A 84 -5.19 -13.07 5.03
C TRP A 84 -6.00 -13.23 6.32
N ARG A 85 -5.30 -13.19 7.45
CA ARG A 85 -5.93 -13.32 8.77
C ARG A 85 -7.00 -12.27 9.08
N LEU A 86 -6.98 -11.16 8.34
CA LEU A 86 -8.03 -10.16 8.51
C LEU A 86 -9.07 -10.27 7.41
N ASN A 87 -8.97 -11.31 6.60
CA ASN A 87 -9.96 -11.55 5.56
C ASN A 87 -11.37 -11.62 6.14
N GLU A 88 -12.35 -11.30 5.30
CA GLU A 88 -13.74 -11.57 5.60
C GLU A 88 -13.92 -13.05 5.95
N ARG A 89 -15.04 -13.37 6.59
CA ARG A 89 -15.39 -14.75 6.86
C ARG A 89 -15.53 -15.52 5.54
N HIS A 90 -14.99 -16.74 5.50
CA HIS A 90 -15.15 -17.60 4.32
C HIS A 90 -16.49 -18.34 4.38
N TYR A 91 -17.36 -18.09 3.40
CA TYR A 91 -18.74 -18.58 3.48
C TYR A 91 -18.97 -19.90 2.76
N GLY A 92 -17.88 -20.56 2.36
CA GLY A 92 -17.92 -21.88 1.76
C GLY A 92 -18.84 -21.96 0.57
N GLY A 93 -19.66 -23.01 0.51
CA GLY A 93 -20.53 -23.22 -0.63
C GLY A 93 -21.54 -22.11 -0.89
N LEU A 94 -21.82 -21.29 0.12
CA LEU A 94 -22.82 -20.22 -0.05
C LEU A 94 -22.29 -19.00 -0.79
N THR A 95 -20.96 -18.92 -0.93
CA THR A 95 -20.31 -17.73 -1.49
C THR A 95 -20.87 -17.37 -2.86
N GLY A 96 -21.34 -16.13 -2.99
CA GLY A 96 -21.88 -15.65 -4.26
C GLY A 96 -23.39 -15.80 -4.43
N LEU A 97 -24.02 -16.58 -3.54
CA LEU A 97 -25.46 -16.82 -3.64
C LEU A 97 -26.24 -15.73 -2.92
N ASN A 98 -27.29 -15.21 -3.53
CA ASN A 98 -28.22 -14.36 -2.79
C ASN A 98 -29.09 -15.15 -1.79
N LYS A 99 -29.98 -14.42 -1.12
CA LYS A 99 -30.80 -14.96 -0.03
C LYS A 99 -31.78 -16.03 -0.52
N ALA A 100 -32.46 -15.74 -1.63
CA ALA A 100 -33.41 -16.68 -2.23
C ALA A 100 -32.74 -17.95 -2.76
N GLU A 101 -31.55 -17.80 -3.34
CA GLU A 101 -30.86 -18.97 -3.88
C GLU A 101 -30.37 -19.86 -2.74
N THR A 102 -30.00 -19.22 -1.65
CA THR A 102 -29.55 -19.93 -0.46
C THR A 102 -30.72 -20.72 0.16
N ALA A 103 -31.85 -20.05 0.39
CA ALA A 103 -33.02 -20.73 0.93
C ALA A 103 -33.45 -21.88 0.02
N ALA A 104 -33.54 -21.61 -1.27
CA ALA A 104 -33.97 -22.62 -2.23
C ALA A 104 -33.06 -23.85 -2.22
N LYS A 105 -31.77 -23.64 -2.02
CA LYS A 105 -30.80 -24.71 -2.17
C LYS A 105 -30.62 -25.53 -0.88
N HIS A 106 -30.87 -24.91 0.26
CA HIS A 106 -30.57 -25.55 1.55
C HIS A 106 -31.75 -25.60 2.52
N GLY A 107 -32.81 -24.85 2.21
CA GLY A 107 -34.03 -24.85 3.02
C GLY A 107 -33.98 -23.81 4.13
N GLU A 108 -35.15 -23.27 4.49
CA GLU A 108 -35.24 -22.22 5.51
C GLU A 108 -34.77 -22.67 6.88
N ALA A 109 -35.07 -23.91 7.23
CA ALA A 109 -34.67 -24.44 8.54
C ALA A 109 -33.13 -24.46 8.70
N GLN A 110 -32.42 -25.00 7.72
CA GLN A 110 -30.96 -25.03 7.81
C GLN A 110 -30.32 -23.62 7.76
N VAL A 111 -30.78 -22.79 6.84
CA VAL A 111 -30.30 -21.40 6.75
C VAL A 111 -30.48 -20.63 8.07
N LYS A 112 -31.61 -20.82 8.73
CA LYS A 112 -31.82 -20.16 10.01
C LYS A 112 -30.82 -20.64 11.07
N ILE A 113 -30.54 -21.94 11.07
CA ILE A 113 -29.54 -22.52 11.98
C ILE A 113 -28.13 -21.95 11.76
N TRP A 114 -27.73 -21.82 10.50
CA TRP A 114 -26.40 -21.27 10.20
C TRP A 114 -26.32 -19.82 10.66
N ARG A 115 -27.44 -19.11 10.51
CA ARG A 115 -27.50 -17.68 10.72
C ARG A 115 -27.38 -17.29 12.19
N ARG A 116 -27.80 -18.20 13.06
CA ARG A 116 -27.88 -17.91 14.49
C ARG A 116 -26.81 -18.65 15.26
N SER A 117 -26.09 -19.53 14.56
CA SER A 117 -25.04 -20.32 15.18
C SER A 117 -23.68 -19.62 15.13
N TYR A 118 -22.92 -19.75 16.21
CA TYR A 118 -21.61 -19.14 16.33
C TYR A 118 -20.55 -20.13 15.86
N ASP A 119 -20.85 -21.42 16.02
CA ASP A 119 -19.86 -22.48 15.82
C ASP A 119 -20.19 -23.47 14.68
N VAL A 120 -21.24 -23.20 13.90
CA VAL A 120 -21.55 -24.09 12.79
C VAL A 120 -21.16 -23.45 11.45
N PRO A 121 -20.28 -24.12 10.71
CA PRO A 121 -19.85 -23.54 9.44
C PRO A 121 -20.87 -23.84 8.35
N PRO A 122 -20.87 -23.05 7.27
CA PRO A 122 -21.65 -23.47 6.09
C PRO A 122 -20.95 -24.65 5.45
N PRO A 123 -21.58 -25.26 4.44
CA PRO A 123 -20.93 -26.38 3.75
C PRO A 123 -19.73 -25.86 2.96
N PRO A 124 -18.74 -26.74 2.71
CA PRO A 124 -17.50 -26.31 2.07
C PRO A 124 -17.69 -25.94 0.61
N MET A 125 -16.79 -25.12 0.09
CA MET A 125 -16.84 -24.80 -1.33
C MET A 125 -16.24 -25.97 -2.10
N GLU A 126 -17.11 -26.69 -2.82
CA GLU A 126 -16.72 -27.84 -3.61
C GLU A 126 -16.18 -27.41 -4.99
N PRO A 127 -15.35 -28.27 -5.61
CA PRO A 127 -14.77 -28.02 -6.94
C PRO A 127 -15.79 -27.65 -8.03
N ASP A 128 -17.08 -27.94 -7.82
CA ASP A 128 -18.06 -27.53 -8.81
C ASP A 128 -18.52 -26.08 -8.62
N HIS A 129 -18.13 -25.48 -7.49
CA HIS A 129 -18.46 -24.08 -7.23
C HIS A 129 -17.73 -23.15 -8.17
N PRO A 130 -18.45 -22.15 -8.74
CA PRO A 130 -17.86 -21.19 -9.68
C PRO A 130 -16.62 -20.45 -9.15
N PHE A 131 -16.43 -20.42 -7.84
CA PHE A 131 -15.32 -19.71 -7.23
C PHE A 131 -14.23 -20.64 -6.73
N TYR A 132 -14.47 -21.95 -6.81
CA TYR A 132 -13.60 -22.94 -6.13
C TYR A 132 -12.11 -22.75 -6.42
N SER A 133 -11.74 -22.75 -7.70
CA SER A 133 -10.34 -22.66 -8.07
C SER A 133 -9.88 -21.19 -8.02
N ASN A 134 -10.79 -20.28 -8.36
CA ASN A 134 -10.52 -18.85 -8.27
C ASN A 134 -10.01 -18.40 -6.89
N ILE A 135 -10.51 -19.02 -5.83
CA ILE A 135 -10.09 -18.68 -4.47
C ILE A 135 -9.05 -19.66 -3.93
N SER A 136 -9.40 -20.95 -3.88
CA SER A 136 -8.53 -21.96 -3.28
C SER A 136 -7.15 -22.06 -3.96
N LYS A 137 -7.07 -21.75 -5.25
CA LYS A 137 -5.76 -21.76 -5.94
C LYS A 137 -5.16 -20.38 -6.20
N ASP A 138 -5.77 -19.33 -5.65
CA ASP A 138 -5.21 -17.98 -5.78
C ASP A 138 -3.81 -17.95 -5.16
N ARG A 139 -2.82 -17.45 -5.88
CA ARG A 139 -1.45 -17.59 -5.37
C ARG A 139 -1.18 -16.83 -4.06
N ARG A 140 -2.05 -15.87 -3.72
CA ARG A 140 -1.85 -15.09 -2.49
C ARG A 140 -2.02 -16.00 -1.26
N TYR A 141 -2.60 -17.19 -1.45
CA TYR A 141 -2.76 -18.12 -0.34
C TYR A 141 -1.82 -19.31 -0.46
N ALA A 142 -0.88 -19.24 -1.42
CA ALA A 142 -0.04 -20.40 -1.74
C ALA A 142 0.85 -20.88 -0.58
N ASP A 143 1.20 -19.97 0.32
CA ASP A 143 2.05 -20.32 1.46
C ASP A 143 1.26 -20.82 2.65
N LEU A 144 -0.07 -20.80 2.54
CA LEU A 144 -0.93 -21.28 3.61
C LEU A 144 -0.87 -22.81 3.68
N THR A 145 -0.77 -23.35 4.89
CA THR A 145 -0.80 -24.82 5.06
C THR A 145 -2.22 -25.33 4.76
N GLU A 146 -2.35 -26.63 4.46
CA GLU A 146 -3.62 -27.18 3.98
C GLU A 146 -4.75 -27.02 5.00
N ASP A 147 -4.38 -26.83 6.26
CA ASP A 147 -5.32 -26.65 7.36
C ASP A 147 -5.67 -25.18 7.62
N GLN A 148 -4.82 -24.27 7.13
CA GLN A 148 -5.00 -22.84 7.36
C GLN A 148 -5.93 -22.28 6.30
N LEU A 149 -5.84 -22.86 5.10
CA LEU A 149 -6.70 -22.46 4.00
C LEU A 149 -8.09 -23.09 4.17
N PRO A 150 -9.07 -22.26 4.55
CA PRO A 150 -10.45 -22.71 4.83
C PRO A 150 -11.20 -23.05 3.56
N SER A 151 -12.01 -24.11 3.60
CA SER A 151 -13.01 -24.35 2.57
C SER A 151 -14.32 -23.70 3.03
N CYS A 152 -14.36 -23.32 4.30
CA CYS A 152 -15.54 -22.69 4.90
C CYS A 152 -15.19 -22.32 6.33
N GLU A 153 -15.91 -21.35 6.90
CA GLU A 153 -15.67 -20.96 8.29
C GLU A 153 -16.95 -20.68 9.06
N SER A 154 -17.00 -21.12 10.32
CA SER A 154 -18.01 -20.59 11.24
C SER A 154 -17.48 -19.24 11.71
N LEU A 155 -18.33 -18.43 12.33
CA LEU A 155 -17.84 -17.17 12.89
C LEU A 155 -16.70 -17.45 13.86
N LYS A 156 -16.84 -18.54 14.61
CA LYS A 156 -15.83 -18.94 15.58
C LYS A 156 -14.46 -19.15 14.91
N ASP A 157 -14.47 -19.88 13.80
CA ASP A 157 -13.26 -20.13 13.02
C ASP A 157 -12.61 -18.82 12.55
N THR A 158 -13.45 -17.90 12.08
CA THR A 158 -12.97 -16.63 11.55
C THR A 158 -12.27 -15.86 12.66
N ILE A 159 -12.93 -15.73 13.80
CA ILE A 159 -12.33 -15.05 14.93
C ILE A 159 -11.03 -15.74 15.41
N ALA A 160 -11.00 -17.07 15.43
CA ALA A 160 -9.81 -17.80 15.86
C ALA A 160 -8.57 -17.52 15.01
N ARG A 161 -8.73 -17.22 13.73
CA ARG A 161 -7.55 -16.98 12.90
C ARG A 161 -7.18 -15.49 12.79
N ALA A 162 -8.12 -14.62 13.16
CA ALA A 162 -7.85 -13.18 13.21
C ALA A 162 -7.03 -12.78 14.45
N LEU A 163 -7.35 -13.37 15.59
CA LEU A 163 -6.79 -12.97 16.88
C LEU A 163 -5.29 -13.25 17.08
N PRO A 164 -4.79 -14.38 16.55
CA PRO A 164 -3.35 -14.60 16.60
C PRO A 164 -2.58 -13.45 15.93
N PHE A 165 -3.16 -12.85 14.89
CA PHE A 165 -2.50 -11.76 14.19
C PHE A 165 -2.58 -10.48 15.02
N TRP A 166 -3.75 -10.24 15.57
CA TRP A 166 -3.94 -9.14 16.51
C TRP A 166 -2.91 -9.26 17.65
N ASN A 167 -2.87 -10.43 18.29
CA ASN A 167 -1.95 -10.63 19.42
C ASN A 167 -0.45 -10.51 19.10
N GLU A 168 -0.03 -11.05 17.96
CA GLU A 168 1.39 -11.10 17.61
C GLU A 168 1.89 -9.85 16.87
N GLU A 169 1.05 -9.27 16.02
CA GLU A 169 1.49 -8.17 15.16
C GLU A 169 0.91 -6.81 15.55
N ILE A 170 -0.37 -6.75 15.90
CA ILE A 170 -0.99 -5.45 16.15
C ILE A 170 -0.73 -4.92 17.57
N VAL A 171 -0.94 -5.78 18.57
CA VAL A 171 -0.75 -5.43 19.98
C VAL A 171 0.60 -4.78 20.31
N PRO A 172 1.70 -5.41 19.88
CA PRO A 172 3.04 -4.84 20.08
C PRO A 172 3.14 -3.42 19.56
N GLN A 173 2.53 -3.14 18.41
CA GLN A 173 2.58 -1.80 17.84
C GLN A 173 1.85 -0.80 18.73
N ILE A 174 0.67 -1.18 19.21
CA ILE A 174 -0.12 -0.34 20.11
C ILE A 174 0.64 -0.02 21.40
N LYS A 175 1.38 -1.00 21.91
CA LYS A 175 2.07 -0.90 23.19
C LYS A 175 3.34 -0.04 23.07
N GLU A 176 3.72 0.26 21.83
CA GLU A 176 4.87 1.12 21.57
C GLU A 176 4.39 2.52 21.23
N GLY A 177 3.10 2.78 21.41
CA GLY A 177 2.55 4.11 21.18
C GLY A 177 2.28 4.40 19.72
N LYS A 178 2.40 3.38 18.88
CA LYS A 178 2.04 3.50 17.47
C LYS A 178 0.55 3.70 17.35
N ARG A 179 0.16 4.73 16.61
CA ARG A 179 -1.24 4.95 16.33
C ARG A 179 -1.65 4.08 15.14
N VAL A 180 -2.56 3.15 15.39
CA VAL A 180 -2.90 2.10 14.45
C VAL A 180 -4.21 2.34 13.71
N LEU A 181 -4.20 2.10 12.40
CA LEU A 181 -5.43 2.10 11.61
C LEU A 181 -5.61 0.69 11.07
N ILE A 182 -6.82 0.14 11.22
CA ILE A 182 -7.15 -1.18 10.67
C ILE A 182 -8.31 -1.07 9.68
N ALA A 183 -8.03 -1.42 8.42
CA ALA A 183 -9.10 -1.44 7.41
C ALA A 183 -9.41 -2.89 7.04
N ALA A 184 -10.57 -3.38 7.46
CA ALA A 184 -10.90 -4.78 7.25
C ALA A 184 -12.38 -5.03 7.01
N HIS A 185 -12.88 -6.14 7.54
CA HIS A 185 -14.22 -6.59 7.17
C HIS A 185 -15.11 -6.79 8.39
N GLY A 186 -16.41 -6.88 8.19
CA GLY A 186 -17.35 -7.02 9.29
C GLY A 186 -16.95 -8.13 10.23
N ASN A 187 -16.72 -9.33 9.70
CA ASN A 187 -16.50 -10.48 10.58
C ASN A 187 -15.13 -10.56 11.23
N SER A 188 -14.09 -10.05 10.54
CA SER A 188 -12.76 -10.02 11.15
C SER A 188 -12.66 -8.89 12.18
N LEU A 189 -13.30 -7.76 11.88
CA LEU A 189 -13.44 -6.68 12.85
C LEU A 189 -14.26 -7.15 14.09
N ARG A 190 -15.33 -7.91 13.85
CA ARG A 190 -16.11 -8.50 14.94
C ARG A 190 -15.21 -9.21 15.95
N GLY A 191 -14.23 -9.95 15.45
CA GLY A 191 -13.31 -10.69 16.32
C GLY A 191 -12.50 -9.79 17.24
N ILE A 192 -12.09 -8.64 16.70
CA ILE A 192 -11.28 -7.68 17.46
C ILE A 192 -12.15 -6.99 18.52
N VAL A 193 -13.30 -6.50 18.08
CA VAL A 193 -14.28 -5.91 18.98
C VAL A 193 -14.72 -6.88 20.11
N LYS A 194 -14.75 -8.17 19.81
CA LYS A 194 -15.16 -9.17 20.79
C LYS A 194 -14.10 -9.31 21.88
N HIS A 195 -12.85 -9.47 21.45
CA HIS A 195 -11.72 -9.58 22.35
C HIS A 195 -11.51 -8.31 23.20
N LEU A 196 -11.64 -7.14 22.57
CA LEU A 196 -11.48 -5.85 23.24
C LEU A 196 -12.48 -5.67 24.39
N GLU A 197 -13.76 -5.86 24.08
CA GLU A 197 -14.84 -5.59 25.02
C GLU A 197 -15.28 -6.83 25.81
N GLY A 198 -14.58 -7.94 25.59
CA GLY A 198 -14.92 -9.21 26.22
C GLY A 198 -16.39 -9.60 26.06
N LEU A 199 -16.92 -9.36 24.87
CA LEU A 199 -18.30 -9.69 24.56
C LEU A 199 -18.51 -11.20 24.53
N SER A 200 -19.78 -11.60 24.58
CA SER A 200 -20.18 -12.99 24.50
C SER A 200 -20.48 -13.38 23.06
N GLU A 201 -20.54 -14.69 22.81
CA GLU A 201 -20.83 -15.20 21.47
C GLU A 201 -22.12 -14.62 20.91
N GLU A 202 -23.14 -14.58 21.76
CA GLU A 202 -24.46 -14.11 21.38
C GLU A 202 -24.41 -12.60 21.08
N ALA A 203 -23.72 -11.85 21.93
CA ALA A 203 -23.56 -10.41 21.74
C ALA A 203 -22.78 -10.05 20.45
N ILE A 204 -21.71 -10.78 20.16
CA ILE A 204 -20.94 -10.47 18.95
C ILE A 204 -21.76 -10.77 17.68
N MET A 205 -22.63 -11.79 17.73
CA MET A 205 -23.49 -12.12 16.59
C MET A 205 -24.59 -11.08 16.38
N GLU A 206 -24.83 -10.26 17.40
CA GLU A 206 -25.82 -9.20 17.31
C GLU A 206 -25.19 -7.89 16.82
N LEU A 207 -23.89 -7.74 17.06
CA LEU A 207 -23.16 -6.54 16.67
C LEU A 207 -23.00 -6.40 15.16
N ASN A 208 -23.51 -5.30 14.63
CA ASN A 208 -23.39 -5.02 13.21
C ASN A 208 -22.65 -3.70 12.99
N LEU A 209 -21.34 -3.78 12.82
CA LEU A 209 -20.52 -2.58 12.62
C LEU A 209 -20.94 -1.85 11.34
N PRO A 210 -21.12 -0.53 11.43
CA PRO A 210 -21.44 0.31 10.28
C PRO A 210 -20.23 0.35 9.32
N THR A 211 -20.47 0.66 8.05
CA THR A 211 -19.43 0.65 7.04
C THR A 211 -19.01 2.06 6.66
N GLY A 212 -17.75 2.22 6.24
CA GLY A 212 -17.26 3.51 5.75
C GLY A 212 -17.15 4.60 6.81
N ILE A 213 -17.22 4.22 8.08
CA ILE A 213 -17.19 5.18 9.18
C ILE A 213 -16.08 4.84 10.16
N PRO A 214 -15.20 5.82 10.45
CA PRO A 214 -14.14 5.57 11.42
C PRO A 214 -14.72 5.18 12.78
N ILE A 215 -14.20 4.10 13.33
CA ILE A 215 -14.59 3.58 14.63
C ILE A 215 -13.41 3.75 15.57
N VAL A 216 -13.58 4.61 16.58
CA VAL A 216 -12.47 4.98 17.47
C VAL A 216 -12.53 4.28 18.83
N TYR A 217 -11.42 3.66 19.21
CA TYR A 217 -11.24 3.07 20.54
C TYR A 217 -10.18 3.84 21.35
N GLU A 218 -10.50 4.11 22.61
CA GLU A 218 -9.52 4.66 23.54
C GLU A 218 -9.20 3.59 24.56
N LEU A 219 -7.96 3.11 24.55
CA LEU A 219 -7.56 1.99 25.37
C LEU A 219 -6.60 2.41 26.48
N ASP A 220 -6.64 1.71 27.62
CA ASP A 220 -5.70 1.96 28.71
C ASP A 220 -4.44 1.12 28.49
N LYS A 221 -3.56 1.10 29.47
CA LYS A 221 -2.28 0.40 29.33
C LYS A 221 -2.43 -1.12 29.19
N ASN A 222 -3.59 -1.64 29.60
CA ASN A 222 -3.87 -3.07 29.47
C ASN A 222 -4.64 -3.39 28.19
N LEU A 223 -4.85 -2.36 27.37
CA LEU A 223 -5.57 -2.50 26.10
C LEU A 223 -7.04 -2.80 26.34
N LYS A 224 -7.53 -2.34 27.49
CA LYS A 224 -8.95 -2.38 27.79
C LYS A 224 -9.56 -1.04 27.45
N PRO A 225 -10.68 -1.05 26.73
CA PRO A 225 -11.38 0.19 26.38
C PRO A 225 -11.83 0.94 27.61
N ILE A 226 -11.66 2.26 27.62
CA ILE A 226 -12.07 3.11 28.73
C ILE A 226 -13.45 3.67 28.49
N LYS A 227 -14.01 3.40 27.32
CA LYS A 227 -15.34 3.88 26.97
C LYS A 227 -15.91 3.13 25.76
N PRO A 228 -17.19 3.35 25.44
CA PRO A 228 -17.80 2.65 24.30
C PRO A 228 -17.13 3.10 23.00
N MET A 229 -17.26 2.32 21.93
CA MET A 229 -16.71 2.71 20.64
C MET A 229 -17.36 4.01 20.18
N GLN A 230 -16.60 4.85 19.49
CA GLN A 230 -17.10 6.13 19.02
C GLN A 230 -16.98 6.24 17.49
N PHE A 231 -17.88 7.03 16.87
CA PHE A 231 -17.94 7.17 15.42
C PHE A 231 -17.62 8.61 14.99
N LEU A 232 -17.05 8.77 13.79
CA LEU A 232 -16.71 10.09 13.24
C LEU A 232 -17.55 10.47 12.01
N GLY A 233 -18.05 11.71 12.01
CA GLY A 233 -18.96 12.19 10.98
C GLY A 233 -19.99 13.17 11.52
N ASP A 234 -21.27 12.78 11.50
CA ASP A 234 -22.38 13.65 11.91
C ASP A 234 -23.73 12.93 11.91
N ALA B 1 16.54 -16.26 -17.78
CA ALA B 1 17.54 -15.97 -16.75
C ALA B 1 17.05 -16.37 -15.37
N ALA B 2 17.95 -16.38 -14.39
CA ALA B 2 17.59 -16.78 -13.03
C ALA B 2 16.56 -15.85 -12.39
N TYR B 3 16.73 -14.54 -12.62
CA TYR B 3 15.90 -13.53 -11.95
C TYR B 3 15.33 -12.48 -12.90
N LYS B 4 14.21 -11.90 -12.51
CA LYS B 4 13.61 -10.81 -13.27
C LYS B 4 13.24 -9.64 -12.36
N LEU B 5 13.66 -8.45 -12.76
CA LEU B 5 13.49 -7.24 -11.95
C LEU B 5 12.79 -6.15 -12.76
N VAL B 6 11.72 -5.58 -12.22
CA VAL B 6 11.00 -4.52 -12.92
C VAL B 6 11.04 -3.18 -12.18
N LEU B 7 11.45 -2.14 -12.91
CA LEU B 7 11.54 -0.79 -12.36
C LEU B 7 10.54 0.09 -13.10
N ILE B 8 10.06 1.13 -12.42
CA ILE B 8 9.19 2.08 -13.09
C ILE B 8 9.33 3.42 -12.42
N ARG B 9 9.52 4.46 -13.23
CA ARG B 9 9.65 5.79 -12.68
C ARG B 9 8.24 6.36 -12.64
N GLY B 11 4.85 8.56 -12.82
CA GLY B 11 4.28 9.35 -13.91
C GLY B 11 4.51 10.85 -13.73
N GLU B 12 4.27 11.63 -14.77
CA GLU B 12 4.34 13.10 -14.67
C GLU B 12 3.63 13.65 -13.41
N SER B 13 4.32 14.49 -12.66
CA SER B 13 3.74 15.12 -11.46
C SER B 13 3.19 16.50 -11.81
N ALA B 14 2.42 17.06 -10.88
CA ALA B 14 1.86 18.40 -11.03
C ALA B 14 2.94 19.47 -11.15
N TRP B 15 4.09 19.25 -10.51
CA TRP B 15 5.19 20.21 -10.57
C TRP B 15 6.08 20.04 -11.80
N ASN B 16 6.06 18.85 -12.40
CA ASN B 16 6.73 18.63 -13.69
C ASN B 16 6.09 19.52 -14.75
N LEU B 17 4.77 19.62 -14.70
CA LEU B 17 4.02 20.58 -15.52
C LEU B 17 4.43 22.03 -15.28
N GLU B 18 4.43 22.46 -14.02
CA GLU B 18 4.81 23.83 -13.66
C GLU B 18 6.32 24.02 -13.88
N ASN B 19 7.01 22.94 -14.19
CA ASN B 19 8.47 22.97 -14.41
C ASN B 19 9.28 23.42 -13.18
N ARG B 20 8.75 23.14 -11.99
CA ARG B 20 9.41 23.46 -10.73
C ARG B 20 10.23 22.27 -10.23
N PHE B 21 11.34 22.56 -9.54
CA PHE B 21 12.10 21.51 -8.87
C PHE B 21 11.30 20.97 -7.68
N SER B 22 10.91 19.70 -7.72
CA SER B 22 10.21 19.07 -6.59
C SER B 22 11.18 18.52 -5.55
N GLY B 23 12.05 17.61 -5.99
CA GLY B 23 12.88 16.88 -5.07
C GLY B 23 12.02 16.22 -4.00
N TRP B 24 12.27 16.59 -2.74
CA TRP B 24 11.59 15.94 -1.61
C TRP B 24 10.20 16.49 -1.39
N TYR B 25 9.86 17.60 -2.04
CA TYR B 25 8.50 18.09 -1.98
C TYR B 25 7.55 17.01 -2.52
N ASP B 26 6.47 16.74 -1.80
CA ASP B 26 5.61 15.59 -2.08
C ASP B 26 4.53 15.85 -3.13
N ALA B 27 4.94 16.35 -4.30
CA ALA B 27 4.01 16.64 -5.38
C ALA B 27 3.27 15.39 -5.88
N ASP B 28 2.00 15.55 -6.21
CA ASP B 28 1.15 14.45 -6.64
C ASP B 28 1.24 14.31 -8.17
N LEU B 29 0.73 13.20 -8.70
CA LEU B 29 0.67 12.99 -10.14
C LEU B 29 -0.27 14.01 -10.80
N SER B 30 0.09 14.46 -12.00
CA SER B 30 -0.85 15.14 -12.88
C SER B 30 -1.79 14.07 -13.44
N PRO B 31 -2.95 14.48 -13.99
CA PRO B 31 -3.87 13.49 -14.58
C PRO B 31 -3.19 12.68 -15.70
N ALA B 32 -2.38 13.35 -16.51
CA ALA B 32 -1.60 12.64 -17.52
C ALA B 32 -0.67 11.64 -16.86
N GLY B 33 0.01 12.09 -15.80
CA GLY B 33 0.91 11.23 -15.04
C GLY B 33 0.20 9.98 -14.56
N HIS B 34 -1.03 10.14 -14.11
CA HIS B 34 -1.80 9.01 -13.64
C HIS B 34 -2.12 8.08 -14.82
N GLU B 35 -2.40 8.67 -15.98
CA GLU B 35 -2.68 7.88 -17.19
C GLU B 35 -1.45 7.11 -17.66
N GLU B 36 -0.27 7.70 -17.46
CA GLU B 36 0.99 7.03 -17.79
C GLU B 36 1.16 5.78 -16.92
N ALA B 37 1.00 5.95 -15.61
CA ALA B 37 1.16 4.82 -14.69
C ALA B 37 0.18 3.72 -15.04
N LYS B 38 -1.03 4.12 -15.40
CA LYS B 38 -2.08 3.20 -15.86
C LYS B 38 -1.65 2.38 -17.10
N ARG B 39 -1.12 3.06 -18.12
CA ARG B 39 -0.62 2.38 -19.31
C ARG B 39 0.55 1.45 -18.98
N GLY B 40 1.44 1.89 -18.10
CA GLY B 40 2.49 1.02 -17.60
C GLY B 40 1.89 -0.25 -17.02
N GLY B 41 0.85 -0.10 -16.21
CA GLY B 41 0.19 -1.24 -15.59
C GLY B 41 -0.42 -2.18 -16.61
N GLN B 42 -1.12 -1.62 -17.59
CA GLN B 42 -1.72 -2.44 -18.64
C GLN B 42 -0.67 -3.20 -19.45
N ALA B 43 0.47 -2.58 -19.71
CA ALA B 43 1.58 -3.26 -20.37
C ALA B 43 2.06 -4.47 -19.56
N LEU B 44 2.30 -4.24 -18.27
CA LEU B 44 2.73 -5.34 -17.39
C LEU B 44 1.66 -6.44 -17.36
N ARG B 45 0.39 -6.03 -17.34
CA ARG B 45 -0.72 -6.99 -17.33
C ARG B 45 -0.84 -7.83 -18.61
N ASP B 46 -0.66 -7.19 -19.76
CA ASP B 46 -0.71 -7.87 -21.05
C ASP B 46 0.42 -8.87 -21.20
N ALA B 47 1.55 -8.58 -20.56
CA ALA B 47 2.72 -9.46 -20.66
C ALA B 47 2.68 -10.54 -19.58
N GLY B 48 1.63 -10.55 -18.76
CA GLY B 48 1.48 -11.57 -17.72
C GLY B 48 2.46 -11.49 -16.55
N TYR B 49 2.92 -10.28 -16.23
CA TYR B 49 3.88 -10.15 -15.14
C TYR B 49 3.28 -10.42 -13.77
N GLU B 50 4.07 -11.07 -12.92
CA GLU B 50 3.64 -11.37 -11.56
C GLU B 50 4.75 -10.93 -10.61
N PHE B 51 4.37 -10.35 -9.47
CA PHE B 51 5.36 -9.97 -8.47
C PHE B 51 5.07 -10.63 -7.12
N ASP B 52 6.00 -10.52 -6.18
CA ASP B 52 5.85 -11.07 -4.82
C ASP B 52 6.07 -9.99 -3.78
N ILE B 53 6.73 -8.91 -4.18
CA ILE B 53 7.01 -7.80 -3.26
C ILE B 53 7.32 -6.52 -4.03
N CYS B 54 6.88 -5.40 -3.46
CA CYS B 54 7.01 -4.09 -4.08
C CYS B 54 7.79 -3.12 -3.19
N PHE B 55 8.73 -2.39 -3.78
CA PHE B 55 9.42 -1.32 -3.06
C PHE B 55 9.09 0.05 -3.65
N THR B 56 8.97 1.05 -2.80
CA THR B 56 8.71 2.40 -3.28
C THR B 56 9.23 3.43 -2.27
N SER B 57 9.07 4.71 -2.60
CA SER B 57 9.58 5.77 -1.72
C SER B 57 8.53 6.15 -0.72
N VAL B 58 8.72 7.28 -0.04
CA VAL B 58 7.66 7.82 0.82
C VAL B 58 7.02 9.04 0.15
N GLN B 59 7.25 9.17 -1.16
CA GLN B 59 6.66 10.28 -1.91
C GLN B 59 5.48 9.80 -2.74
N LYS B 60 4.34 10.51 -2.64
CA LYS B 60 3.09 10.00 -3.21
C LYS B 60 3.07 9.85 -4.73
N ARG B 61 3.93 10.58 -5.45
CA ARG B 61 3.93 10.42 -6.90
C ARG B 61 4.40 9.00 -7.26
N ALA B 62 5.33 8.47 -6.49
CA ALA B 62 5.79 7.09 -6.70
C ALA B 62 4.77 6.09 -6.15
N ILE B 63 4.29 6.33 -4.93
CA ILE B 63 3.27 5.47 -4.33
C ILE B 63 2.01 5.33 -5.18
N ARG B 64 1.45 6.47 -5.62
CA ARG B 64 0.22 6.41 -6.43
C ARG B 64 0.47 5.68 -7.75
N THR B 65 1.66 5.83 -8.27
CA THR B 65 2.07 5.08 -9.46
C THR B 65 2.07 3.57 -9.20
N LEU B 66 2.67 3.16 -8.08
CA LEU B 66 2.64 1.76 -7.67
C LEU B 66 1.18 1.31 -7.52
N TRP B 67 0.40 2.06 -6.74
CA TRP B 67 -1.01 1.76 -6.56
C TRP B 67 -1.74 1.55 -7.90
N THR B 68 -1.52 2.47 -8.83
CA THR B 68 -2.16 2.38 -10.15
C THR B 68 -1.69 1.13 -10.90
N VAL B 69 -0.40 0.84 -10.83
CA VAL B 69 0.13 -0.39 -11.40
C VAL B 69 -0.48 -1.65 -10.75
N LEU B 70 -0.50 -1.70 -9.41
CA LEU B 70 -1.01 -2.88 -8.73
C LEU B 70 -2.47 -3.10 -9.09
N ASP B 71 -3.20 -2.01 -9.25
CA ASP B 71 -4.60 -2.08 -9.66
C ASP B 71 -4.69 -2.70 -11.08
N ALA B 72 -3.93 -2.16 -12.04
CA ALA B 72 -4.02 -2.67 -13.42
C ALA B 72 -3.72 -4.18 -13.51
N ILE B 73 -2.82 -4.67 -12.69
CA ILE B 73 -2.39 -6.06 -12.82
C ILE B 73 -3.11 -7.00 -11.84
N ASP B 74 -4.05 -6.44 -11.09
CA ASP B 74 -4.81 -7.19 -10.07
C ASP B 74 -3.91 -7.86 -9.02
N GLN B 75 -2.89 -7.14 -8.56
CA GLN B 75 -2.03 -7.63 -7.48
C GLN B 75 -1.96 -6.64 -6.31
N MET B 76 -3.12 -6.08 -5.98
CA MET B 76 -3.22 -5.09 -4.89
C MET B 76 -2.89 -5.74 -3.56
N TRP B 77 -3.02 -7.06 -3.49
CA TRP B 77 -2.71 -7.83 -2.27
C TRP B 77 -1.21 -7.94 -1.93
N LEU B 78 -0.32 -7.49 -2.80
CA LEU B 78 1.11 -7.74 -2.57
C LEU B 78 1.63 -6.92 -1.41
N PRO B 79 2.65 -7.44 -0.71
CA PRO B 79 3.32 -6.62 0.31
C PRO B 79 4.07 -5.43 -0.31
N VAL B 80 3.98 -4.28 0.34
CA VAL B 80 4.59 -3.05 -0.16
C VAL B 80 5.53 -2.49 0.89
N VAL B 81 6.76 -2.18 0.49
CA VAL B 81 7.72 -1.57 1.42
C VAL B 81 8.05 -0.14 0.99
N ARG B 82 7.88 0.81 1.90
CA ARG B 82 8.16 2.22 1.63
C ARG B 82 9.45 2.63 2.31
N THR B 83 10.30 3.36 1.59
CA THR B 83 11.52 3.90 2.21
C THR B 83 11.92 5.26 1.64
N TRP B 84 12.31 6.16 2.54
CA TRP B 84 12.83 7.47 2.14
C TRP B 84 14.06 7.31 1.27
N ARG B 85 14.81 6.24 1.49
CA ARG B 85 16.03 5.99 0.71
C ARG B 85 15.79 5.91 -0.80
N LEU B 86 14.53 5.70 -1.19
CA LEU B 86 14.24 5.61 -2.63
C LEU B 86 13.66 6.92 -3.16
N ASN B 87 13.63 7.92 -2.29
CA ASN B 87 13.16 9.27 -2.62
C ASN B 87 13.93 9.89 -3.77
N GLU B 88 13.25 10.78 -4.47
CA GLU B 88 13.87 11.67 -5.44
C GLU B 88 15.07 12.38 -4.81
N ARG B 89 15.99 12.79 -5.68
CA ARG B 89 17.09 13.65 -5.25
C ARG B 89 16.58 14.86 -4.48
N HIS B 90 17.28 15.26 -3.41
CA HIS B 90 16.89 16.46 -2.66
C HIS B 90 17.54 17.72 -3.25
N TYR B 91 16.73 18.58 -3.87
CA TYR B 91 17.23 19.71 -4.64
C TYR B 91 17.49 20.99 -3.83
N GLY B 92 17.53 20.84 -2.50
CA GLY B 92 17.92 21.92 -1.62
C GLY B 92 17.17 23.23 -1.88
N GLY B 93 17.92 24.33 -2.00
CA GLY B 93 17.33 25.66 -2.18
C GLY B 93 16.60 25.83 -3.51
N LEU B 94 16.92 24.99 -4.49
CA LEU B 94 16.19 25.03 -5.76
C LEU B 94 14.75 24.55 -5.63
N THR B 95 14.45 23.85 -4.53
CA THR B 95 13.10 23.31 -4.34
C THR B 95 12.04 24.41 -4.46
N GLY B 96 11.05 24.20 -5.33
CA GLY B 96 9.96 25.17 -5.46
C GLY B 96 10.12 26.16 -6.60
N LEU B 97 11.37 26.41 -7.01
CA LEU B 97 11.67 27.35 -8.08
C LEU B 97 11.44 26.69 -9.43
N ASN B 98 11.09 27.49 -10.42
CA ASN B 98 11.00 26.97 -11.79
C ASN B 98 12.25 27.32 -12.58
N LYS B 99 12.20 27.04 -13.88
CA LYS B 99 13.33 27.25 -14.80
C LYS B 99 13.79 28.70 -14.81
N ALA B 100 12.83 29.61 -14.97
CA ALA B 100 13.14 31.03 -15.06
C ALA B 100 13.74 31.54 -13.76
N GLU B 101 13.09 31.22 -12.64
CA GLU B 101 13.53 31.68 -11.32
C GLU B 101 14.96 31.20 -10.99
N THR B 102 15.25 29.96 -11.37
CA THR B 102 16.56 29.35 -11.15
C THR B 102 17.64 30.08 -11.96
N ALA B 103 17.40 30.25 -13.26
CA ALA B 103 18.33 30.99 -14.13
C ALA B 103 18.45 32.43 -13.65
N ALA B 104 17.33 33.04 -13.28
CA ALA B 104 17.34 34.44 -12.84
C ALA B 104 18.22 34.65 -11.60
N LYS B 105 18.12 33.76 -10.62
CA LYS B 105 18.85 33.97 -9.37
C LYS B 105 20.32 33.55 -9.46
N HIS B 106 20.62 32.54 -10.28
CA HIS B 106 21.93 31.91 -10.25
C HIS B 106 22.73 32.08 -11.54
N GLY B 107 22.06 32.44 -12.62
CA GLY B 107 22.71 32.61 -13.91
C GLY B 107 22.79 31.28 -14.66
N GLU B 108 22.75 31.35 -15.99
CA GLU B 108 22.73 30.15 -16.82
C GLU B 108 23.97 29.30 -16.59
N ALA B 109 25.11 29.95 -16.43
CA ALA B 109 26.38 29.27 -16.22
C ALA B 109 26.30 28.30 -15.04
N GLN B 110 26.05 28.85 -13.86
CA GLN B 110 25.89 28.05 -12.65
C GLN B 110 24.91 26.89 -12.82
N VAL B 111 23.80 27.15 -13.50
CA VAL B 111 22.81 26.11 -13.75
C VAL B 111 23.41 25.00 -14.60
N LYS B 112 24.26 25.39 -15.56
CA LYS B 112 24.96 24.44 -16.42
C LYS B 112 25.88 23.52 -15.61
N ILE B 113 26.68 24.13 -14.73
CA ILE B 113 27.54 23.39 -13.82
C ILE B 113 26.78 22.34 -13.00
N TRP B 114 25.72 22.76 -12.29
CA TRP B 114 24.90 21.83 -11.50
C TRP B 114 24.31 20.75 -12.36
N ARG B 115 23.89 21.13 -13.55
CA ARG B 115 23.23 20.20 -14.47
C ARG B 115 24.14 19.05 -14.87
N ARG B 116 25.39 19.39 -15.19
CA ARG B 116 26.35 18.44 -15.77
C ARG B 116 27.22 17.78 -14.71
N SER B 117 27.13 18.27 -13.47
CA SER B 117 27.97 17.77 -12.39
C SER B 117 27.34 16.58 -11.64
N TYR B 118 28.18 15.61 -11.28
CA TYR B 118 27.76 14.37 -10.60
C TYR B 118 27.83 14.51 -9.10
N ASP B 119 28.74 15.37 -8.63
CA ASP B 119 29.03 15.43 -7.19
C ASP B 119 28.93 16.83 -6.59
N VAL B 120 28.57 17.82 -7.40
CA VAL B 120 28.34 19.17 -6.88
C VAL B 120 26.87 19.34 -6.49
N PRO B 121 26.60 19.54 -5.19
CA PRO B 121 25.21 19.72 -4.76
C PRO B 121 24.70 21.12 -5.08
N PRO B 122 23.38 21.29 -5.20
CA PRO B 122 22.80 22.63 -5.25
C PRO B 122 22.93 23.27 -3.88
N PRO B 123 22.58 24.57 -3.76
CA PRO B 123 22.69 25.19 -2.44
C PRO B 123 21.73 24.52 -1.45
N PRO B 124 22.05 24.62 -0.16
CA PRO B 124 21.19 24.02 0.88
C PRO B 124 19.83 24.70 1.03
N MET B 125 18.80 23.91 1.33
CA MET B 125 17.52 24.45 1.78
C MET B 125 17.68 24.90 3.23
N GLU B 126 17.58 26.21 3.46
CA GLU B 126 17.76 26.77 4.81
C GLU B 126 16.42 27.14 5.46
N PRO B 127 16.44 27.32 6.79
CA PRO B 127 15.25 27.54 7.62
C PRO B 127 14.28 28.60 7.09
N ASP B 128 14.76 29.51 6.26
CA ASP B 128 13.87 30.55 5.72
C ASP B 128 13.33 30.19 4.33
N HIS B 129 13.78 29.06 3.80
CA HIS B 129 13.22 28.55 2.55
C HIS B 129 11.74 28.24 2.78
N PRO B 130 10.89 28.62 1.82
CA PRO B 130 9.44 28.48 2.01
C PRO B 130 8.95 27.03 2.09
N PHE B 131 9.80 26.05 1.77
CA PHE B 131 9.40 24.65 1.89
C PHE B 131 10.22 23.92 2.95
N TYR B 132 10.94 24.69 3.76
CA TYR B 132 11.80 24.10 4.77
C TYR B 132 11.01 23.25 5.76
N SER B 133 10.01 23.87 6.38
CA SER B 133 9.15 23.14 7.34
C SER B 133 8.42 22.00 6.68
N ASN B 134 7.84 22.28 5.52
CA ASN B 134 7.10 21.29 4.75
C ASN B 134 7.85 19.96 4.56
N ILE B 135 9.17 20.04 4.33
CA ILE B 135 9.99 18.85 4.11
C ILE B 135 10.79 18.46 5.36
N SER B 136 11.63 19.37 5.82
CA SER B 136 12.55 19.08 6.92
C SER B 136 11.87 18.74 8.25
N LYS B 137 10.62 19.14 8.40
CA LYS B 137 9.90 18.89 9.65
C LYS B 137 8.68 17.97 9.46
N ASP B 138 8.59 17.34 8.30
CA ASP B 138 7.53 16.37 8.04
C ASP B 138 7.78 15.12 8.88
N ARG B 139 6.77 14.67 9.61
CA ARG B 139 6.98 13.57 10.58
C ARG B 139 7.39 12.25 9.95
N ARG B 140 7.24 12.12 8.64
CA ARG B 140 7.67 10.90 7.95
C ARG B 140 9.19 10.76 7.99
N TYR B 141 9.91 11.85 8.29
CA TYR B 141 11.37 11.80 8.41
C TYR B 141 11.81 11.87 9.88
N ALA B 142 10.85 11.72 10.79
CA ALA B 142 11.09 11.83 12.23
C ALA B 142 12.18 10.90 12.76
N ASP B 143 12.36 9.75 12.11
CA ASP B 143 13.28 8.75 12.62
C ASP B 143 14.65 8.78 11.96
N LEU B 144 14.87 9.73 11.05
CA LEU B 144 16.19 9.90 10.44
C LEU B 144 17.17 10.53 11.42
N THR B 145 18.43 10.15 11.34
CA THR B 145 19.46 10.79 12.14
C THR B 145 19.81 12.14 11.53
N GLU B 146 20.46 13.00 12.31
CA GLU B 146 20.84 14.33 11.84
C GLU B 146 21.62 14.27 10.54
N ASP B 147 22.46 13.25 10.38
CA ASP B 147 23.27 13.13 9.17
C ASP B 147 22.45 12.74 7.96
N GLN B 148 21.41 11.94 8.19
CA GLN B 148 20.62 11.36 7.11
C GLN B 148 19.67 12.36 6.46
N LEU B 149 19.09 13.24 7.27
CA LEU B 149 18.17 14.25 6.75
C LEU B 149 18.96 15.36 6.03
N PRO B 150 18.97 15.32 4.69
CA PRO B 150 19.79 16.22 3.87
C PRO B 150 19.18 17.60 3.69
N SER B 151 20.04 18.61 3.57
CA SER B 151 19.64 19.97 3.23
C SER B 151 19.72 20.12 1.72
N CYS B 152 20.40 19.15 1.09
CA CYS B 152 20.58 19.13 -0.36
C CYS B 152 21.37 17.89 -0.74
N GLU B 153 21.35 17.55 -2.02
CA GLU B 153 22.05 16.38 -2.51
C GLU B 153 22.58 16.59 -3.92
N SER B 154 23.80 16.13 -4.14
CA SER B 154 24.28 15.86 -5.48
C SER B 154 23.74 14.50 -5.87
N LEU B 155 23.76 14.19 -7.16
CA LEU B 155 23.35 12.87 -7.62
C LEU B 155 24.12 11.79 -6.84
N LYS B 156 25.40 12.05 -6.59
CA LYS B 156 26.26 11.17 -5.82
C LYS B 156 25.71 10.88 -4.41
N ASP B 157 25.32 11.94 -3.70
CA ASP B 157 24.68 11.81 -2.40
C ASP B 157 23.44 10.92 -2.48
N THR B 158 22.62 11.16 -3.50
CA THR B 158 21.35 10.45 -3.67
C THR B 158 21.64 8.97 -3.82
N ILE B 159 22.52 8.65 -4.76
CA ILE B 159 22.92 7.27 -4.99
C ILE B 159 23.52 6.64 -3.73
N ALA B 160 24.22 7.43 -2.93
CA ALA B 160 24.91 6.88 -1.76
C ALA B 160 23.94 6.46 -0.65
N ARG B 161 22.79 7.11 -0.58
CA ARG B 161 21.82 6.72 0.45
C ARG B 161 20.78 5.75 -0.11
N ALA B 162 20.75 5.59 -1.43
CA ALA B 162 19.83 4.67 -2.08
C ALA B 162 20.38 3.24 -2.16
N LEU B 163 21.69 3.12 -2.41
CA LEU B 163 22.33 1.81 -2.56
C LEU B 163 22.29 0.94 -1.30
N PRO B 164 22.46 1.56 -0.13
CA PRO B 164 22.34 0.79 1.12
C PRO B 164 21.01 0.05 1.20
N PHE B 165 19.91 0.70 0.78
CA PHE B 165 18.61 0.02 0.80
C PHE B 165 18.60 -1.10 -0.22
N TRP B 166 19.12 -0.83 -1.41
CA TRP B 166 19.20 -1.85 -2.45
C TRP B 166 19.91 -3.11 -1.95
N ASN B 167 21.13 -2.94 -1.42
CA ASN B 167 21.95 -4.07 -0.98
C ASN B 167 21.39 -4.82 0.24
N GLU B 168 20.77 -4.10 1.17
CA GLU B 168 20.35 -4.72 2.43
C GLU B 168 18.92 -5.26 2.43
N GLU B 169 18.03 -4.60 1.70
CA GLU B 169 16.61 -4.95 1.70
C GLU B 169 16.14 -5.51 0.37
N ILE B 170 16.67 -5.02 -0.74
CA ILE B 170 16.17 -5.52 -2.02
C ILE B 170 16.93 -6.75 -2.52
N VAL B 171 18.25 -6.68 -2.56
CA VAL B 171 19.08 -7.80 -3.02
C VAL B 171 18.70 -9.17 -2.39
N PRO B 172 18.61 -9.23 -1.04
CA PRO B 172 18.27 -10.50 -0.36
C PRO B 172 16.92 -11.05 -0.81
N GLN B 173 15.91 -10.19 -0.96
CA GLN B 173 14.63 -10.63 -1.49
C GLN B 173 14.79 -11.25 -2.87
N ILE B 174 15.56 -10.61 -3.74
CA ILE B 174 15.72 -11.13 -5.10
C ILE B 174 16.39 -12.51 -5.10
N LYS B 175 17.43 -12.64 -4.27
CA LYS B 175 18.15 -13.91 -4.14
C LYS B 175 17.33 -14.94 -3.38
N GLU B 176 16.26 -14.46 -2.74
CA GLU B 176 15.29 -15.35 -2.10
C GLU B 176 14.29 -15.82 -3.17
N GLY B 177 14.44 -15.30 -4.38
CA GLY B 177 13.60 -15.72 -5.49
C GLY B 177 12.30 -14.94 -5.60
N LYS B 178 12.17 -13.87 -4.82
CA LYS B 178 10.99 -12.99 -4.89
C LYS B 178 11.07 -12.12 -6.15
N ARG B 179 9.97 -12.01 -6.88
CA ARG B 179 9.93 -11.14 -8.05
C ARG B 179 9.64 -9.69 -7.60
N VAL B 180 10.62 -8.80 -7.79
CA VAL B 180 10.55 -7.44 -7.27
C VAL B 180 10.00 -6.40 -8.27
N LEU B 181 9.12 -5.52 -7.77
CA LEU B 181 8.73 -4.31 -8.47
C LEU B 181 9.26 -3.13 -7.67
N ILE B 182 9.96 -2.21 -8.33
CA ILE B 182 10.40 -0.98 -7.69
C ILE B 182 9.78 0.20 -8.42
N ALA B 183 8.90 0.93 -7.75
CA ALA B 183 8.29 2.14 -8.32
C ALA B 183 8.88 3.34 -7.61
N ALA B 184 9.75 4.10 -8.30
CA ALA B 184 10.46 5.18 -7.60
C ALA B 184 10.71 6.41 -8.49
N HIS B 185 11.86 7.05 -8.30
CA HIS B 185 12.15 8.32 -8.96
C HIS B 185 13.38 8.23 -9.87
N GLY B 186 13.42 9.08 -10.90
CA GLY B 186 14.54 9.13 -11.84
C GLY B 186 15.92 8.92 -11.21
N ASN B 187 16.27 9.80 -10.29
CA ASN B 187 17.61 9.78 -9.73
C ASN B 187 17.88 8.61 -8.77
N SER B 188 16.85 8.18 -8.03
CA SER B 188 17.00 7.02 -7.16
C SER B 188 17.12 5.74 -8.00
N LEU B 189 16.34 5.63 -9.08
CA LEU B 189 16.49 4.47 -9.95
C LEU B 189 17.83 4.49 -10.70
N ARG B 190 18.38 5.70 -10.87
CA ARG B 190 19.66 5.86 -11.54
C ARG B 190 20.74 5.14 -10.77
N GLY B 191 20.67 5.24 -9.44
CA GLY B 191 21.62 4.57 -8.58
C GLY B 191 21.56 3.06 -8.78
N ILE B 192 20.34 2.52 -8.91
CA ILE B 192 20.20 1.09 -9.14
C ILE B 192 20.72 0.65 -10.51
N VAL B 193 20.38 1.41 -11.55
CA VAL B 193 20.84 1.10 -12.89
C VAL B 193 22.37 1.25 -13.00
N LYS B 194 22.92 2.21 -12.27
CA LYS B 194 24.36 2.44 -12.29
C LYS B 194 25.08 1.23 -11.70
N HIS B 195 24.56 0.73 -10.58
CA HIS B 195 25.14 -0.42 -9.91
C HIS B 195 24.99 -1.68 -10.74
N LEU B 196 23.78 -1.93 -11.26
CA LEU B 196 23.51 -3.13 -12.06
C LEU B 196 24.45 -3.22 -13.26
N GLU B 197 24.47 -2.17 -14.08
CA GLU B 197 25.22 -2.18 -15.34
C GLU B 197 26.66 -1.71 -15.17
N GLY B 198 27.03 -1.32 -13.96
CA GLY B 198 28.36 -0.80 -13.67
C GLY B 198 28.73 0.42 -14.51
N LEU B 199 27.85 1.41 -14.56
CA LEU B 199 28.06 2.58 -15.40
C LEU B 199 28.95 3.64 -14.77
N SER B 200 29.59 4.42 -15.63
CA SER B 200 30.42 5.55 -15.23
C SER B 200 29.55 6.74 -14.85
N GLU B 201 30.14 7.67 -14.11
CA GLU B 201 29.43 8.86 -13.67
C GLU B 201 28.81 9.64 -14.84
N GLU B 202 29.54 9.73 -15.94
CA GLU B 202 29.07 10.50 -17.09
C GLU B 202 27.97 9.73 -17.79
N ALA B 203 28.13 8.41 -17.84
CA ALA B 203 27.14 7.54 -18.48
C ALA B 203 25.79 7.60 -17.76
N ILE B 204 25.83 7.69 -16.44
CA ILE B 204 24.60 7.69 -15.64
C ILE B 204 23.90 9.06 -15.76
N MET B 205 24.68 10.14 -15.74
CA MET B 205 24.10 11.49 -15.87
C MET B 205 23.47 11.69 -17.24
N GLU B 206 23.90 10.91 -18.23
CA GLU B 206 23.31 10.99 -19.57
C GLU B 206 22.08 10.11 -19.68
N LEU B 207 21.77 9.38 -18.62
CA LEU B 207 20.67 8.41 -18.68
C LEU B 207 19.32 9.05 -18.32
N ASN B 208 18.42 9.09 -19.28
CA ASN B 208 17.08 9.60 -19.00
C ASN B 208 16.07 8.47 -18.98
N LEU B 209 15.56 8.19 -17.79
CA LEU B 209 14.50 7.22 -17.61
C LEU B 209 13.16 7.91 -17.82
N PRO B 210 12.34 7.40 -18.74
CA PRO B 210 10.99 7.92 -19.01
C PRO B 210 10.00 7.71 -17.86
N THR B 211 9.15 8.71 -17.60
CA THR B 211 8.09 8.57 -16.60
C THR B 211 7.09 7.46 -16.94
N GLY B 212 6.66 6.71 -15.92
CA GLY B 212 5.55 5.78 -16.05
C GLY B 212 5.72 4.59 -16.97
N ILE B 213 6.92 4.39 -17.49
CA ILE B 213 7.19 3.20 -18.31
C ILE B 213 8.00 2.16 -17.54
N PRO B 214 7.53 0.90 -17.58
CA PRO B 214 8.14 -0.29 -16.99
C PRO B 214 9.48 -0.63 -17.64
N ILE B 215 10.49 -0.80 -16.81
CA ILE B 215 11.82 -1.16 -17.26
C ILE B 215 12.13 -2.55 -16.71
N VAL B 216 12.42 -3.49 -17.61
CA VAL B 216 12.61 -4.88 -17.22
C VAL B 216 14.08 -5.30 -17.30
N TYR B 217 14.54 -6.00 -16.27
CA TYR B 217 15.89 -6.55 -16.23
C TYR B 217 15.85 -8.08 -16.12
N GLU B 218 16.69 -8.74 -16.90
CA GLU B 218 16.90 -10.17 -16.76
C GLU B 218 18.27 -10.40 -16.15
N LEU B 219 18.27 -10.86 -14.89
CA LEU B 219 19.49 -10.91 -14.07
C LEU B 219 19.97 -12.35 -13.86
N ASP B 220 21.29 -12.52 -13.76
CA ASP B 220 21.87 -13.81 -13.37
C ASP B 220 21.92 -13.91 -11.84
N LYS B 221 22.42 -15.02 -11.32
CA LYS B 221 22.33 -15.28 -9.89
C LYS B 221 23.13 -14.31 -9.05
N ASN B 222 24.06 -13.62 -9.72
CA ASN B 222 24.82 -12.55 -9.08
C ASN B 222 24.22 -11.16 -9.36
N LEU B 223 23.00 -11.14 -9.91
CA LEU B 223 22.30 -9.89 -10.18
C LEU B 223 23.02 -9.06 -11.23
N LYS B 224 23.56 -9.77 -12.23
CA LYS B 224 24.18 -9.14 -13.39
C LYS B 224 23.26 -9.33 -14.59
N PRO B 225 22.98 -8.24 -15.32
CA PRO B 225 22.06 -8.31 -16.47
C PRO B 225 22.63 -9.18 -17.59
N ILE B 226 21.83 -10.13 -18.08
CA ILE B 226 22.27 -10.94 -19.22
C ILE B 226 22.11 -10.16 -20.52
N LYS B 227 21.29 -9.10 -20.47
CA LYS B 227 21.06 -8.25 -21.63
C LYS B 227 20.72 -6.81 -21.22
N PRO B 228 20.70 -5.90 -22.21
CA PRO B 228 20.34 -4.49 -21.95
C PRO B 228 18.90 -4.35 -21.45
N MET B 229 18.66 -3.33 -20.63
CA MET B 229 17.33 -3.06 -20.10
C MET B 229 16.31 -2.99 -21.24
N GLN B 230 15.07 -3.37 -20.94
CA GLN B 230 14.02 -3.30 -21.95
C GLN B 230 12.83 -2.49 -21.43
N PHE B 231 12.24 -1.70 -22.31
CA PHE B 231 11.02 -0.95 -21.99
C PHE B 231 9.80 -1.78 -22.37
N LEU B 232 8.69 -1.54 -21.69
CA LEU B 232 7.47 -2.30 -21.94
C LEU B 232 6.35 -1.37 -22.36
N GLY B 233 5.56 -1.80 -23.33
CA GLY B 233 4.50 -0.98 -23.89
C GLY B 233 4.20 -1.33 -25.33
N ASP B 234 3.81 -0.32 -26.11
CA ASP B 234 3.46 -0.50 -27.51
C ASP B 234 4.45 0.21 -28.43
#